data_2JLS
#
_entry.id   2JLS
#
_cell.length_a   52.313
_cell.length_b   52.313
_cell.length_c   192.932
_cell.angle_alpha   90.00
_cell.angle_beta   90.00
_cell.angle_gamma   90.00
#
_symmetry.space_group_name_H-M   'P 43'
#
loop_
_entity.id
_entity.type
_entity.pdbx_description
1 polymer 'SERINE PROTEASE SUBUNIT NS3'
2 non-polymer 'MANGANESE (II) ION'
3 non-polymer "ADENOSINE-5'-DIPHOSPHATE"
4 non-polymer BETA-MERCAPTOETHANOL
5 non-polymer 'CHLORIDE ION'
6 non-polymer GLYCEROL
7 water water
#
_entity_poly.entity_id   1
_entity_poly.type   'polypeptide(L)'
_entity_poly.pdbx_seq_one_letter_code
;GSAMGEPDYEVDEDIFRKKRLTIMDLHPGAGKTKRILPSIVREALKRRLRTLILAPTRVVAAEMEEALRGLPIRYQTPAV
KSDHTGREIVDLMCHATFTTRLLSSTRVPNYNLIVMDEAHFTDPCSVAARGYISTRVEMGEAAAIFMTATPPGSTDPFPQ
SNSPIEDIEREIPERSWNTGFDWITDYQGKTVWFVPSIKAGNDIANCLRKSGKRVIQLSRKTFDTEYPKTKLTDWDFVVT
TDISEMGANFRAGRVIDPRRCLKPVILTDGPERVILAGPIPVTPASAAQRRGRIGRNPAQEDDQYVFSGDPLKNDEDHAH
WTEAKMLLDNIYTPEGIIPTLFGPEREKTQAIDGEFRLRGEQRKTFVELMRRGDLPVWLSYKVASAGISYKDREWCFTGE
RNNQILEENMEVEIWTREGEKKKLRPKWLDARVYADPMALKDFKEFASGRK
;
_entity_poly.pdbx_strand_id   A
#
loop_
_chem_comp.id
_chem_comp.type
_chem_comp.name
_chem_comp.formula
ADP non-polymer ADENOSINE-5'-DIPHOSPHATE 'C10 H15 N5 O10 P2'
BME non-polymer BETA-MERCAPTOETHANOL 'C2 H6 O S'
CL non-polymer 'CHLORIDE ION' 'Cl -1'
GOL non-polymer GLYCEROL 'C3 H8 O3'
MN non-polymer 'MANGANESE (II) ION' 'Mn 2'
#
# COMPACT_ATOMS: atom_id res chain seq x y z
N TYR A 9 -9.17 28.28 -4.29
CA TYR A 9 -10.12 27.17 -4.55
C TYR A 9 -11.40 27.32 -3.74
N GLU A 10 -12.54 27.24 -4.42
CA GLU A 10 -13.85 27.32 -3.77
C GLU A 10 -14.42 25.93 -3.54
N VAL A 11 -14.65 25.60 -2.27
CA VAL A 11 -15.19 24.30 -1.88
C VAL A 11 -16.70 24.21 -2.10
N ASP A 12 -17.15 23.09 -2.66
CA ASP A 12 -18.57 22.81 -2.82
C ASP A 12 -19.18 22.47 -1.46
N GLU A 13 -20.36 23.01 -1.19
CA GLU A 13 -21.01 22.87 0.11
C GLU A 13 -21.60 21.48 0.35
N ASP A 14 -21.97 20.80 -0.73
CA ASP A 14 -22.66 19.51 -0.64
C ASP A 14 -21.73 18.34 -0.28
N ILE A 15 -20.42 18.54 -0.43
CA ILE A 15 -19.45 17.48 -0.14
C ILE A 15 -19.31 17.21 1.37
N PHE A 16 -19.77 18.16 2.18
CA PHE A 16 -19.74 18.02 3.65
C PHE A 16 -21.01 17.39 4.20
N ARG A 17 -22.01 17.22 3.34
CA ARG A 17 -23.29 16.62 3.73
C ARG A 17 -23.17 15.11 3.89
N LYS A 18 -23.76 14.60 4.97
CA LYS A 18 -23.79 13.17 5.25
C LYS A 18 -24.45 12.40 4.11
N LYS A 19 -23.99 11.17 3.91
CA LYS A 19 -24.44 10.28 2.83
C LYS A 19 -23.86 10.63 1.45
N ARG A 20 -22.92 11.58 1.41
CA ARG A 20 -22.25 11.91 0.16
C ARG A 20 -20.81 11.43 0.16
N LEU A 21 -20.45 10.71 -0.91
CA LEU A 21 -19.07 10.31 -1.14
C LEU A 21 -18.56 10.95 -2.42
N THR A 22 -17.59 11.85 -2.28
CA THR A 22 -17.08 12.59 -3.42
C THR A 22 -15.79 11.98 -3.94
N ILE A 23 -15.83 11.58 -5.20
CA ILE A 23 -14.63 11.11 -5.90
C ILE A 23 -13.96 12.32 -6.54
N MET A 24 -12.90 12.80 -5.90
CA MET A 24 -12.14 13.91 -6.41
C MET A 24 -11.07 13.36 -7.35
N ASP A 25 -11.46 13.17 -8.61
CA ASP A 25 -10.60 12.52 -9.59
C ASP A 25 -9.93 13.48 -10.57
N LEU A 26 -9.54 14.64 -10.06
CA LEU A 26 -8.73 15.59 -10.82
C LEU A 26 -7.43 14.92 -11.22
N HIS A 27 -6.97 15.21 -12.44
CA HIS A 27 -5.78 14.56 -13.02
C HIS A 27 -4.55 14.62 -12.10
N PRO A 28 -3.54 13.75 -12.34
CA PRO A 28 -2.36 13.77 -11.49
C PRO A 28 -1.68 15.15 -11.50
N GLY A 29 -1.42 15.68 -10.31
CA GLY A 29 -0.75 16.98 -10.17
C GLY A 29 -1.66 18.18 -10.19
N ALA A 30 -2.98 17.97 -10.31
CA ALA A 30 -3.95 19.06 -10.42
C ALA A 30 -4.07 19.91 -9.16
N GLY A 31 -3.69 19.34 -8.01
CA GLY A 31 -3.68 20.07 -6.74
C GLY A 31 -4.60 19.50 -5.68
N LYS A 32 -4.78 18.18 -5.71
CA LYS A 32 -5.65 17.51 -4.74
C LYS A 32 -5.05 17.48 -3.33
N THR A 33 -3.79 17.09 -3.22
CA THR A 33 -3.11 17.01 -1.92
C THR A 33 -2.68 18.39 -1.39
N LYS A 34 -2.06 19.19 -2.25
CA LYS A 34 -1.41 20.42 -1.81
C LYS A 34 -2.31 21.65 -1.69
N ARG A 35 -3.35 21.71 -2.51
CA ARG A 35 -4.18 22.92 -2.59
C ARG A 35 -5.55 22.77 -1.93
N ILE A 36 -6.32 21.79 -2.40
CA ILE A 36 -7.71 21.65 -1.97
C ILE A 36 -7.85 21.05 -0.56
N LEU A 37 -6.89 20.21 -0.16
CA LEU A 37 -6.94 19.54 1.14
C LEU A 37 -7.00 20.52 2.32
N PRO A 38 -6.06 21.49 2.38
CA PRO A 38 -6.13 22.49 3.44
C PRO A 38 -7.42 23.33 3.39
N SER A 39 -7.97 23.51 2.18
CA SER A 39 -9.23 24.24 2.00
C SER A 39 -10.41 23.45 2.57
N ILE A 40 -10.37 22.13 2.39
CA ILE A 40 -11.42 21.24 2.89
C ILE A 40 -11.36 21.11 4.42
N VAL A 41 -10.15 21.00 4.96
CA VAL A 41 -9.94 20.87 6.41
C VAL A 41 -10.41 22.12 7.16
N ARG A 42 -10.04 23.30 6.65
CA ARG A 42 -10.44 24.58 7.24
C ARG A 42 -11.95 24.76 7.23
N GLU A 43 -12.58 24.34 6.14
CA GLU A 43 -14.02 24.43 5.97
C GLU A 43 -14.75 23.40 6.84
N ALA A 44 -14.14 22.22 7.00
CA ALA A 44 -14.65 21.19 7.90
C ALA A 44 -14.64 21.66 9.37
N LEU A 45 -13.59 22.40 9.73
CA LEU A 45 -13.47 22.94 11.08
C LEU A 45 -14.51 24.04 11.34
N LYS A 46 -14.71 24.90 10.36
CA LYS A 46 -15.73 25.95 10.44
C LYS A 46 -17.13 25.36 10.68
N ARG A 47 -17.39 24.21 10.08
CA ARG A 47 -18.67 23.50 10.23
C ARG A 47 -18.70 22.61 11.47
N ARG A 48 -17.60 22.60 12.22
CA ARG A 48 -17.46 21.81 13.46
C ARG A 48 -17.59 20.29 13.24
N LEU A 49 -17.10 19.82 12.10
CA LEU A 49 -17.17 18.41 11.75
C LEU A 49 -16.03 17.61 12.39
N ARG A 50 -16.33 16.39 12.84
CA ARG A 50 -15.30 15.49 13.36
C ARG A 50 -14.53 14.87 12.19
N THR A 51 -13.34 15.40 11.93
CA THR A 51 -12.65 15.14 10.66
C THR A 51 -11.49 14.14 10.78
N LEU A 52 -11.40 13.25 9.80
CA LEU A 52 -10.29 12.32 9.68
C LEU A 52 -9.59 12.45 8.33
N ILE A 53 -8.26 12.59 8.37
CA ILE A 53 -7.44 12.62 7.15
C ILE A 53 -6.59 11.34 7.09
N LEU A 54 -6.69 10.65 5.96
CA LEU A 54 -5.95 9.40 5.76
C LEU A 54 -4.89 9.54 4.66
N ALA A 55 -3.64 9.31 5.04
CA ALA A 55 -2.52 9.29 4.11
C ALA A 55 -2.08 7.84 3.83
N PRO A 56 -1.60 7.56 2.61
CA PRO A 56 -1.21 6.19 2.26
C PRO A 56 0.00 5.66 3.04
N THR A 57 1.00 6.52 3.24
CA THR A 57 2.26 6.12 3.86
C THR A 57 2.59 7.11 4.97
N ARG A 58 3.46 6.70 5.90
CA ARG A 58 3.99 7.56 6.97
C ARG A 58 4.67 8.82 6.41
N VAL A 59 5.42 8.66 5.33
CA VAL A 59 6.10 9.79 4.67
C VAL A 59 5.11 10.87 4.19
N VAL A 60 4.06 10.44 3.49
CA VAL A 60 3.03 11.36 3.01
C VAL A 60 2.33 12.05 4.18
N ALA A 61 2.05 11.28 5.23
CA ALA A 61 1.44 11.83 6.45
C ALA A 61 2.30 12.95 7.05
N ALA A 62 3.61 12.71 7.14
CA ALA A 62 4.55 13.71 7.62
C ALA A 62 4.53 14.99 6.78
N GLU A 63 4.39 14.84 5.46
CA GLU A 63 4.28 16.00 4.57
C GLU A 63 2.97 16.77 4.80
N MET A 64 1.88 16.03 5.06
CA MET A 64 0.60 16.64 5.40
C MET A 64 0.65 17.44 6.70
N GLU A 65 1.20 16.84 7.77
CA GLU A 65 1.26 17.54 9.06
C GLU A 65 2.16 18.77 9.01
N GLU A 66 3.20 18.72 8.18
CA GLU A 66 4.06 19.88 7.91
C GLU A 66 3.27 20.98 7.20
N ALA A 67 2.49 20.60 6.19
CA ALA A 67 1.68 21.54 5.40
C ALA A 67 0.47 22.09 6.17
N LEU A 68 -0.09 21.28 7.06
CA LEU A 68 -1.27 21.68 7.83
C LEU A 68 -0.91 22.15 9.25
N ARG A 69 0.35 22.48 9.44
CA ARG A 69 0.91 22.78 10.76
C ARG A 69 0.18 23.90 11.52
N GLY A 70 -0.37 24.87 10.79
CA GLY A 70 -1.14 25.96 11.41
C GLY A 70 -2.50 25.56 11.97
N LEU A 71 -3.01 24.41 11.52
CA LEU A 71 -4.32 23.92 11.92
C LEU A 71 -4.24 22.96 13.10
N PRO A 72 -5.37 22.72 13.81
CA PRO A 72 -5.38 21.78 14.93
C PRO A 72 -5.32 20.33 14.46
N ILE A 73 -4.18 19.96 13.89
CA ILE A 73 -3.94 18.60 13.41
C ILE A 73 -3.26 17.79 14.50
N ARG A 74 -3.63 16.52 14.60
CA ARG A 74 -2.96 15.60 15.49
C ARG A 74 -2.65 14.33 14.70
N TYR A 75 -1.35 14.06 14.51
CA TYR A 75 -0.94 12.79 13.90
C TYR A 75 -1.20 11.63 14.85
N GLN A 76 -1.84 10.59 14.34
CA GLN A 76 -2.18 9.41 15.11
C GLN A 76 -1.30 8.22 14.74
N THR A 77 -0.55 7.74 15.73
CA THR A 77 0.34 6.58 15.58
C THR A 77 -0.43 5.26 15.75
N PRO A 78 -0.02 4.21 15.00
CA PRO A 78 -0.59 2.87 15.17
C PRO A 78 -0.20 2.19 16.50
N ALA A 79 0.82 2.71 17.19
CA ALA A 79 1.17 2.24 18.53
C ALA A 79 0.10 2.58 19.57
N VAL A 80 -0.82 3.47 19.18
CA VAL A 80 -1.94 3.88 20.02
C VAL A 80 -3.25 3.45 19.35
N LYS A 81 -4.15 2.87 20.14
CA LYS A 81 -5.43 2.33 19.63
C LYS A 81 -6.52 3.39 19.48
N SER A 82 -6.49 4.41 20.36
CA SER A 82 -7.39 5.56 20.26
C SER A 82 -6.79 6.73 21.05
N ASP A 83 -7.15 7.94 20.65
CA ASP A 83 -6.61 9.14 21.27
C ASP A 83 -7.62 10.27 21.19
N HIS A 84 -8.38 10.45 22.27
CA HIS A 84 -9.47 11.40 22.28
C HIS A 84 -9.20 12.59 23.19
N THR A 85 -9.37 13.78 22.64
CA THR A 85 -9.22 15.03 23.36
C THR A 85 -10.58 15.68 23.54
N GLY A 86 -10.70 16.59 24.51
CA GLY A 86 -11.92 17.38 24.67
C GLY A 86 -11.83 18.69 23.92
N ARG A 87 -11.27 18.63 22.71
CA ARG A 87 -10.91 19.81 21.93
C ARG A 87 -11.22 19.66 20.44
N GLU A 88 -11.24 20.80 19.74
CA GLU A 88 -11.38 20.82 18.28
C GLU A 88 -10.07 20.33 17.66
N ILE A 89 -10.12 19.15 17.06
CA ILE A 89 -8.91 18.49 16.53
C ILE A 89 -9.20 17.65 15.28
N VAL A 90 -8.29 17.73 14.31
CA VAL A 90 -8.35 16.93 13.10
C VAL A 90 -7.36 15.77 13.25
N ASP A 91 -7.87 14.55 13.15
CA ASP A 91 -7.03 13.35 13.23
C ASP A 91 -6.38 13.04 11.89
N LEU A 92 -5.07 12.78 11.92
CA LEU A 92 -4.29 12.41 10.75
C LEU A 92 -3.59 11.08 10.98
N MET A 93 -3.76 10.15 10.05
CA MET A 93 -3.14 8.84 10.16
C MET A 93 -3.03 8.17 8.79
N CYS A 94 -2.26 7.09 8.75
CA CYS A 94 -2.17 6.26 7.55
C CYS A 94 -3.47 5.47 7.34
N HIS A 95 -3.72 5.07 6.10
CA HIS A 95 -4.85 4.18 5.80
C HIS A 95 -4.85 2.98 6.74
N ALA A 96 -3.71 2.31 6.86
CA ALA A 96 -3.57 1.08 7.65
C ALA A 96 -3.80 1.28 9.16
N THR A 97 -3.37 2.44 9.67
CA THR A 97 -3.59 2.80 11.07
C THR A 97 -5.09 2.88 11.38
N PHE A 98 -5.87 3.46 10.48
CA PHE A 98 -7.31 3.52 10.64
C PHE A 98 -7.90 2.10 10.73
N THR A 99 -7.56 1.27 9.76
CA THR A 99 -8.03 -0.12 9.74
C THR A 99 -7.62 -0.92 10.99
N THR A 100 -6.40 -0.73 11.48
CA THR A 100 -5.94 -1.41 12.71
C THR A 100 -6.75 -0.99 13.94
N ARG A 101 -7.00 0.32 14.05
CA ARG A 101 -7.79 0.87 15.15
C ARG A 101 -9.24 0.36 15.12
N LEU A 102 -9.78 0.18 13.91
CA LEU A 102 -11.11 -0.40 13.72
C LEU A 102 -11.18 -1.83 14.23
N LEU A 103 -10.06 -2.53 14.15
CA LEU A 103 -9.96 -3.93 14.57
C LEU A 103 -9.66 -4.11 16.07
N SER A 104 -9.04 -3.11 16.69
CA SER A 104 -8.45 -3.27 18.02
C SER A 104 -9.07 -2.39 19.11
N SER A 105 -9.98 -1.51 18.73
CA SER A 105 -10.65 -0.62 19.66
C SER A 105 -12.16 -0.56 19.39
N THR A 106 -12.94 -0.32 20.44
CA THR A 106 -14.36 0.00 20.31
C THR A 106 -14.55 1.52 20.45
N ARG A 107 -13.43 2.23 20.64
CA ARG A 107 -13.43 3.67 20.89
C ARG A 107 -12.98 4.46 19.67
N VAL A 108 -13.27 3.93 18.48
CA VAL A 108 -13.03 4.65 17.24
C VAL A 108 -14.05 5.79 17.16
N PRO A 109 -13.57 7.04 17.04
CA PRO A 109 -14.45 8.21 17.00
C PRO A 109 -15.46 8.10 15.87
N ASN A 110 -16.61 8.76 16.03
CA ASN A 110 -17.64 8.80 15.01
C ASN A 110 -17.38 9.95 14.04
N TYR A 111 -16.35 9.80 13.20
CA TYR A 111 -15.97 10.83 12.24
C TYR A 111 -17.12 11.06 11.25
N ASN A 112 -17.52 12.31 11.05
CA ASN A 112 -18.55 12.61 10.05
C ASN A 112 -17.99 13.22 8.76
N LEU A 113 -16.69 13.50 8.74
CA LEU A 113 -15.99 13.79 7.49
C LEU A 113 -14.66 13.06 7.44
N ILE A 114 -14.53 12.17 6.46
CA ILE A 114 -13.32 11.39 6.25
C ILE A 114 -12.72 11.70 4.88
N VAL A 115 -11.46 12.10 4.86
CA VAL A 115 -10.75 12.34 3.61
C VAL A 115 -9.67 11.28 3.45
N MET A 116 -9.78 10.46 2.39
CA MET A 116 -8.73 9.51 2.07
C MET A 116 -7.95 9.99 0.85
N ASP A 117 -6.68 10.35 1.07
CA ASP A 117 -5.81 10.75 -0.02
C ASP A 117 -5.14 9.53 -0.65
N GLU A 118 -4.83 9.67 -1.94
CA GLU A 118 -4.30 8.55 -2.75
C GLU A 118 -5.17 7.31 -2.53
N ALA A 119 -6.47 7.50 -2.73
CA ALA A 119 -7.47 6.49 -2.42
C ALA A 119 -7.50 5.33 -3.41
N HIS A 120 -6.54 5.30 -4.33
CA HIS A 120 -6.37 4.21 -5.29
C HIS A 120 -5.53 3.07 -4.71
N PHE A 121 -4.85 3.31 -3.59
CA PHE A 121 -4.02 2.31 -2.92
C PHE A 121 -4.77 0.98 -2.79
N THR A 122 -4.18 -0.10 -3.33
CA THR A 122 -4.85 -1.40 -3.39
C THR A 122 -4.38 -2.38 -2.32
N ASP A 123 -3.54 -1.94 -1.40
CA ASP A 123 -3.16 -2.79 -0.26
C ASP A 123 -4.42 -3.09 0.58
N PRO A 124 -4.53 -4.32 1.13
CA PRO A 124 -5.77 -4.77 1.75
C PRO A 124 -6.32 -3.86 2.86
N CYS A 125 -5.42 -3.31 3.66
CA CYS A 125 -5.79 -2.35 4.72
C CYS A 125 -6.47 -1.11 4.16
N SER A 126 -6.05 -0.68 2.97
CA SER A 126 -6.65 0.47 2.31
C SER A 126 -7.98 0.13 1.64
N VAL A 127 -8.07 -1.07 1.06
CA VAL A 127 -9.31 -1.56 0.47
C VAL A 127 -10.37 -1.70 1.56
N ALA A 128 -9.96 -2.31 2.68
CA ALA A 128 -10.82 -2.43 3.87
C ALA A 128 -11.29 -1.08 4.39
N ALA A 129 -10.38 -0.10 4.45
CA ALA A 129 -10.73 1.24 4.93
C ALA A 129 -11.80 1.89 4.07
N ARG A 130 -11.67 1.77 2.74
CA ARG A 130 -12.64 2.31 1.79
C ARG A 130 -14.00 1.62 1.94
N GLY A 131 -13.95 0.33 2.27
CA GLY A 131 -15.16 -0.43 2.59
C GLY A 131 -15.88 0.14 3.78
N TYR A 132 -15.16 0.29 4.89
CA TYR A 132 -15.73 0.85 6.12
C TYR A 132 -16.25 2.27 5.90
N ILE A 133 -15.44 3.11 5.27
CA ILE A 133 -15.80 4.50 4.99
C ILE A 133 -17.09 4.59 4.17
N SER A 134 -17.13 3.94 3.01
CA SER A 134 -18.32 3.95 2.16
C SER A 134 -19.56 3.40 2.86
N THR A 135 -19.38 2.36 3.67
CA THR A 135 -20.46 1.83 4.50
C THR A 135 -21.05 2.91 5.42
N ARG A 136 -20.18 3.65 6.10
CA ARG A 136 -20.60 4.75 6.99
C ARG A 136 -21.32 5.86 6.23
N VAL A 137 -20.83 6.16 5.04
CA VAL A 137 -21.44 7.17 4.17
C VAL A 137 -22.85 6.73 3.76
N GLU A 138 -22.96 5.51 3.25
CA GLU A 138 -24.23 4.95 2.78
C GLU A 138 -25.24 4.71 3.91
N MET A 139 -24.75 4.55 5.14
CA MET A 139 -25.61 4.46 6.32
C MET A 139 -26.07 5.85 6.79
N GLY A 140 -25.53 6.90 6.17
CA GLY A 140 -25.91 8.27 6.45
C GLY A 140 -25.25 8.87 7.67
N GLU A 141 -24.12 8.29 8.08
CA GLU A 141 -23.43 8.71 9.30
C GLU A 141 -22.20 9.58 9.03
N ALA A 142 -21.83 9.72 7.77
CA ALA A 142 -20.61 10.45 7.41
C ALA A 142 -20.64 10.98 5.98
N ALA A 143 -19.79 11.98 5.74
CA ALA A 143 -19.43 12.41 4.40
C ALA A 143 -17.98 12.00 4.18
N ALA A 144 -17.66 11.63 2.95
CA ALA A 144 -16.29 11.22 2.63
C ALA A 144 -15.83 11.73 1.28
N ILE A 145 -14.54 12.02 1.19
CA ILE A 145 -13.90 12.42 -0.04
C ILE A 145 -12.76 11.44 -0.33
N PHE A 146 -12.79 10.84 -1.52
CA PHE A 146 -11.70 10.00 -1.99
C PHE A 146 -10.87 10.79 -3.00
N MET A 147 -9.63 11.08 -2.65
CA MET A 147 -8.76 11.88 -3.52
C MET A 147 -7.83 10.98 -4.32
N THR A 148 -8.06 10.95 -5.63
CA THR A 148 -7.24 10.17 -6.56
C THR A 148 -7.66 10.40 -8.02
N ALA A 149 -6.66 10.57 -8.88
CA ALA A 149 -6.88 10.67 -10.32
C ALA A 149 -7.32 9.34 -10.93
N THR A 150 -6.97 8.24 -10.26
CA THR A 150 -7.28 6.89 -10.75
C THR A 150 -8.16 6.11 -9.76
N PRO A 151 -9.46 6.49 -9.65
CA PRO A 151 -10.33 5.79 -8.71
C PRO A 151 -10.49 4.32 -9.11
N PRO A 152 -10.82 3.44 -8.13
CA PRO A 152 -11.15 2.06 -8.48
C PRO A 152 -12.08 2.01 -9.69
N GLY A 153 -11.62 1.36 -10.75
CA GLY A 153 -12.39 1.24 -11.99
C GLY A 153 -11.81 1.97 -13.20
N SER A 154 -10.80 2.81 -12.97
CA SER A 154 -10.16 3.60 -14.03
CA SER A 154 -10.19 3.60 -14.04
C SER A 154 -9.37 2.73 -14.99
N THR A 155 -9.40 3.09 -16.27
CA THR A 155 -8.70 2.34 -17.31
C THR A 155 -7.92 3.21 -18.31
N ASP A 156 -7.70 4.49 -17.97
CA ASP A 156 -6.88 5.37 -18.80
C ASP A 156 -5.44 5.37 -18.29
N PRO A 157 -4.50 4.78 -19.06
CA PRO A 157 -3.10 4.76 -18.62
C PRO A 157 -2.35 6.05 -18.95
N PHE A 158 -2.96 6.92 -19.75
CA PHE A 158 -2.33 8.17 -20.18
C PHE A 158 -3.20 9.40 -19.86
N PRO A 159 -3.44 9.68 -18.57
CA PRO A 159 -4.31 10.82 -18.23
C PRO A 159 -3.63 12.17 -18.42
N GLN A 160 -4.42 13.23 -18.34
CA GLN A 160 -3.95 14.61 -18.41
C GLN A 160 -2.83 14.90 -17.40
N SER A 161 -1.94 15.82 -17.76
CA SER A 161 -0.85 16.24 -16.89
C SER A 161 -0.68 17.76 -16.92
N ASN A 162 0.00 18.29 -15.90
CA ASN A 162 0.31 19.73 -15.83
C ASN A 162 1.19 20.18 -16.99
N SER A 163 2.11 19.32 -17.39
CA SER A 163 3.01 19.59 -18.51
C SER A 163 2.99 18.40 -19.46
N PRO A 164 3.21 18.65 -20.78
CA PRO A 164 3.27 17.59 -21.78
C PRO A 164 4.22 16.46 -21.38
N ILE A 165 3.82 15.23 -21.68
CA ILE A 165 4.65 14.05 -21.44
C ILE A 165 4.96 13.36 -22.77
N GLU A 166 6.23 13.05 -22.97
CA GLU A 166 6.65 12.24 -24.10
C GLU A 166 6.54 10.77 -23.73
N ASP A 167 5.52 10.11 -24.28
CA ASP A 167 5.30 8.69 -24.03
C ASP A 167 6.08 7.85 -25.03
N ILE A 168 7.14 7.20 -24.54
CA ILE A 168 8.06 6.45 -25.37
C ILE A 168 7.95 4.95 -25.10
N GLU A 169 7.59 4.19 -26.13
CA GLU A 169 7.44 2.75 -26.01
C GLU A 169 8.68 2.08 -26.58
N ARG A 170 9.40 1.34 -25.73
CA ARG A 170 10.60 0.62 -26.14
C ARG A 170 10.96 -0.48 -25.14
N GLU A 171 11.86 -1.36 -25.56
CA GLU A 171 12.34 -2.47 -24.74
C GLU A 171 13.06 -1.96 -23.49
N ILE A 172 12.67 -2.53 -22.35
CA ILE A 172 13.27 -2.18 -21.06
C ILE A 172 13.87 -3.44 -20.43
N PRO A 173 15.14 -3.38 -19.98
CA PRO A 173 15.79 -4.53 -19.33
C PRO A 173 15.03 -5.03 -18.11
N GLU A 174 14.92 -6.35 -18.00
CA GLU A 174 14.32 -7.01 -16.83
C GLU A 174 15.39 -7.32 -15.79
N ARG A 175 16.64 -7.27 -16.23
CA ARG A 175 17.78 -7.65 -15.41
C ARG A 175 19.02 -6.90 -15.90
N SER A 176 20.17 -7.14 -15.26
CA SER A 176 21.44 -6.53 -15.66
C SER A 176 21.72 -6.68 -17.15
N TRP A 177 22.32 -5.64 -17.73
CA TRP A 177 22.66 -5.62 -19.17
C TRP A 177 24.10 -5.17 -19.38
N ASN A 178 24.69 -5.60 -20.49
CA ASN A 178 26.07 -5.23 -20.85
C ASN A 178 26.14 -4.18 -21.96
N THR A 179 25.23 -4.31 -22.93
CA THR A 179 25.14 -3.39 -24.07
CA THR A 179 25.15 -3.40 -24.07
C THR A 179 23.71 -3.28 -24.56
N GLY A 180 23.49 -2.41 -25.56
CA GLY A 180 22.18 -2.29 -26.22
C GLY A 180 21.14 -1.40 -25.55
N PHE A 181 21.50 -0.80 -24.42
CA PHE A 181 20.59 0.09 -23.69
C PHE A 181 21.28 1.40 -23.28
N ASP A 182 21.95 2.01 -24.25
CA ASP A 182 22.71 3.25 -24.03
C ASP A 182 21.80 4.40 -23.62
N TRP A 183 20.60 4.44 -24.17
CA TRP A 183 19.63 5.49 -23.89
C TRP A 183 19.33 5.66 -22.39
N ILE A 184 19.48 4.58 -21.62
CA ILE A 184 19.26 4.59 -20.17
C ILE A 184 20.34 5.37 -19.42
N THR A 185 21.60 5.04 -19.67
CA THR A 185 22.73 5.66 -18.94
C THR A 185 23.25 6.96 -19.56
N ASP A 186 22.95 7.19 -20.84
CA ASP A 186 23.34 8.42 -21.51
C ASP A 186 22.44 9.60 -21.14
N TYR A 187 21.24 9.28 -20.63
CA TYR A 187 20.26 10.28 -20.24
C TYR A 187 20.81 11.25 -19.20
N GLN A 188 20.70 12.54 -19.50
CA GLN A 188 21.13 13.59 -18.59
C GLN A 188 19.94 14.11 -17.82
N GLY A 189 19.89 13.75 -16.54
CA GLY A 189 18.75 14.06 -15.68
C GLY A 189 18.44 12.91 -14.76
N LYS A 190 17.34 13.05 -14.02
CA LYS A 190 16.99 12.05 -13.01
C LYS A 190 15.86 11.14 -13.48
N THR A 191 15.98 9.86 -13.12
CA THR A 191 15.05 8.83 -13.56
C THR A 191 14.43 8.09 -12.36
N VAL A 192 13.15 7.79 -12.47
CA VAL A 192 12.45 6.92 -11.52
C VAL A 192 12.11 5.63 -12.26
N TRP A 193 12.68 4.52 -11.81
CA TRP A 193 12.52 3.23 -12.46
C TRP A 193 11.68 2.30 -11.58
N PHE A 194 10.50 1.93 -12.10
CA PHE A 194 9.60 1.02 -11.41
C PHE A 194 9.91 -0.44 -11.73
N VAL A 195 10.21 -1.22 -10.69
CA VAL A 195 10.54 -2.64 -10.82
C VAL A 195 9.44 -3.52 -10.19
N PRO A 196 9.23 -4.74 -10.75
CA PRO A 196 8.16 -5.63 -10.28
C PRO A 196 8.38 -6.22 -8.89
N SER A 197 9.62 -6.25 -8.43
CA SER A 197 9.96 -6.79 -7.12
C SER A 197 11.21 -6.15 -6.57
N ILE A 198 11.42 -6.31 -5.27
CA ILE A 198 12.63 -5.86 -4.59
C ILE A 198 13.90 -6.46 -5.19
N LYS A 199 13.89 -7.77 -5.46
CA LYS A 199 15.09 -8.44 -5.96
C LYS A 199 15.37 -8.15 -7.45
N ALA A 200 14.32 -7.84 -8.20
CA ALA A 200 14.49 -7.29 -9.54
C ALA A 200 15.13 -5.90 -9.43
N GLY A 201 14.71 -5.14 -8.42
CA GLY A 201 15.29 -3.85 -8.12
C GLY A 201 16.75 -3.92 -7.70
N ASN A 202 17.08 -4.93 -6.89
CA ASN A 202 18.46 -5.15 -6.45
C ASN A 202 19.41 -5.33 -7.62
N ASP A 203 18.98 -6.09 -8.62
CA ASP A 203 19.79 -6.39 -9.80
C ASP A 203 19.95 -5.17 -10.72
N ILE A 204 18.86 -4.46 -10.97
CA ILE A 204 18.86 -3.24 -11.77
C ILE A 204 19.74 -2.17 -11.15
N ALA A 205 19.57 -1.95 -9.84
CA ALA A 205 20.35 -0.97 -9.09
C ALA A 205 21.85 -1.29 -9.13
N ASN A 206 22.18 -2.56 -8.95
CA ASN A 206 23.57 -3.04 -9.05
C ASN A 206 24.18 -2.76 -10.43
N CYS A 207 23.38 -2.95 -11.48
CA CYS A 207 23.83 -2.70 -12.85
C CYS A 207 24.13 -1.21 -13.07
N LEU A 208 23.24 -0.35 -12.57
CA LEU A 208 23.40 1.10 -12.67
C LEU A 208 24.58 1.62 -11.85
N ARG A 209 24.82 1.00 -10.70
CA ARG A 209 25.93 1.39 -9.81
C ARG A 209 27.30 1.04 -10.40
N LYS A 210 27.37 -0.08 -11.12
CA LYS A 210 28.59 -0.47 -11.82
C LYS A 210 28.87 0.42 -13.04
N SER A 211 27.86 1.18 -13.45
CA SER A 211 28.01 2.17 -14.53
C SER A 211 28.31 3.56 -13.97
N GLY A 212 28.43 3.66 -12.65
CA GLY A 212 28.78 4.92 -11.99
C GLY A 212 27.60 5.79 -11.62
N LYS A 213 26.38 5.25 -11.74
CA LYS A 213 25.17 5.98 -11.36
C LYS A 213 24.93 5.92 -9.86
N ARG A 214 24.40 7.01 -9.31
CA ARG A 214 24.03 7.06 -7.91
C ARG A 214 22.55 6.70 -7.80
N VAL A 215 22.27 5.58 -7.13
CA VAL A 215 20.89 5.07 -7.04
C VAL A 215 20.38 4.88 -5.61
N ILE A 216 19.12 5.26 -5.42
CA ILE A 216 18.39 5.01 -4.17
C ILE A 216 17.28 3.99 -4.47
N GLN A 217 17.17 2.97 -3.63
CA GLN A 217 16.15 1.95 -3.75
C GLN A 217 15.01 2.17 -2.77
N LEU A 218 13.78 1.98 -3.26
CA LEU A 218 12.59 2.16 -2.44
C LEU A 218 11.73 0.90 -2.43
N SER A 219 11.21 0.58 -1.24
CA SER A 219 10.23 -0.48 -1.04
C SER A 219 9.40 -0.12 0.18
N ARG A 220 8.28 -0.82 0.40
CA ARG A 220 7.39 -0.57 1.53
C ARG A 220 8.13 -0.51 2.86
N LYS A 221 9.02 -1.48 3.10
CA LYS A 221 9.75 -1.59 4.35
C LYS A 221 10.79 -0.48 4.56
N THR A 222 11.43 -0.03 3.47
CA THR A 222 12.52 0.94 3.57
C THR A 222 12.11 2.36 3.21
N PHE A 223 10.82 2.55 2.94
CA PHE A 223 10.33 3.83 2.43
C PHE A 223 10.62 5.03 3.33
N ASP A 224 10.50 4.82 4.65
CA ASP A 224 10.67 5.90 5.63
C ASP A 224 12.06 6.50 5.70
N THR A 225 13.08 5.66 5.59
CA THR A 225 14.46 6.14 5.67
C THR A 225 15.02 6.49 4.29
N GLU A 226 14.57 5.77 3.27
CA GLU A 226 15.13 5.91 1.92
C GLU A 226 14.51 7.04 1.10
N TYR A 227 13.20 7.24 1.22
CA TYR A 227 12.52 8.29 0.47
C TYR A 227 13.02 9.73 0.72
N PRO A 228 13.24 10.12 2.00
CA PRO A 228 13.78 11.47 2.28
C PRO A 228 15.09 11.79 1.56
N LYS A 229 15.87 10.77 1.21
CA LYS A 229 17.12 10.93 0.48
C LYS A 229 16.90 11.40 -0.95
N THR A 230 15.73 11.06 -1.51
CA THR A 230 15.35 11.47 -2.87
C THR A 230 15.03 12.97 -2.97
N LYS A 231 14.83 13.61 -1.82
CA LYS A 231 14.50 15.03 -1.77
C LYS A 231 15.73 15.91 -1.93
N LEU A 232 16.90 15.28 -1.77
CA LEU A 232 18.18 15.90 -2.09
C LEU A 232 18.46 15.71 -3.59
N THR A 233 19.54 16.30 -4.10
CA THR A 233 19.83 16.27 -5.54
C THR A 233 21.02 15.39 -5.93
N ASP A 234 21.53 14.64 -4.95
CA ASP A 234 22.72 13.81 -5.16
C ASP A 234 22.41 12.40 -5.66
N TRP A 235 21.47 12.30 -6.60
CA TRP A 235 21.08 11.00 -7.14
C TRP A 235 20.69 11.05 -8.61
N ASP A 236 20.91 9.93 -9.31
CA ASP A 236 20.60 9.83 -10.73
C ASP A 236 19.39 8.93 -10.99
N PHE A 237 19.32 7.83 -10.24
CA PHE A 237 18.22 6.88 -10.38
C PHE A 237 17.52 6.58 -9.05
N VAL A 238 16.20 6.51 -9.10
CA VAL A 238 15.42 5.89 -8.05
C VAL A 238 14.91 4.57 -8.63
N VAL A 239 15.23 3.46 -7.97
CA VAL A 239 14.71 2.16 -8.35
C VAL A 239 13.69 1.73 -7.29
N THR A 240 12.42 1.65 -7.70
CA THR A 240 11.33 1.56 -6.75
C THR A 240 10.27 0.53 -7.14
N THR A 241 9.62 -0.07 -6.13
CA THR A 241 8.46 -0.92 -6.35
C THR A 241 7.23 -0.03 -6.50
N ASP A 242 6.07 -0.66 -6.68
CA ASP A 242 4.80 0.04 -6.90
C ASP A 242 4.43 1.01 -5.76
N ILE A 243 5.10 0.91 -4.62
CA ILE A 243 4.79 1.78 -3.48
C ILE A 243 4.84 3.26 -3.83
N SER A 244 5.72 3.65 -4.76
CA SER A 244 5.84 5.03 -5.20
C SER A 244 4.66 5.58 -6.00
N GLU A 245 3.69 4.72 -6.32
CA GLU A 245 2.43 5.15 -6.94
C GLU A 245 1.54 5.95 -5.98
N MET A 246 1.87 5.91 -4.70
CA MET A 246 1.04 6.50 -3.64
C MET A 246 1.53 7.86 -3.13
N GLY A 247 1.47 8.86 -4.01
CA GLY A 247 1.74 10.24 -3.62
C GLY A 247 3.20 10.60 -3.41
N ALA A 248 4.10 9.77 -3.94
CA ALA A 248 5.52 10.04 -3.85
C ALA A 248 5.91 11.09 -4.88
N ASN A 249 6.52 12.17 -4.41
CA ASN A 249 6.93 13.27 -5.28
C ASN A 249 8.42 13.22 -5.55
N PHE A 250 8.78 13.14 -6.83
CA PHE A 250 10.17 13.17 -7.24
C PHE A 250 10.36 14.36 -8.16
N ARG A 251 11.46 15.09 -7.98
CA ARG A 251 11.83 16.13 -8.93
C ARG A 251 12.74 15.50 -9.97
N ALA A 252 12.12 14.77 -10.90
CA ALA A 252 12.84 13.98 -11.90
C ALA A 252 12.24 14.24 -13.28
N GLY A 253 13.00 13.95 -14.33
CA GLY A 253 12.56 14.19 -15.71
C GLY A 253 12.10 12.96 -16.47
N ARG A 254 12.35 11.77 -15.92
CA ARG A 254 12.04 10.53 -16.62
C ARG A 254 11.53 9.42 -15.70
N VAL A 255 10.51 8.70 -16.18
CA VAL A 255 10.09 7.45 -15.57
C VAL A 255 10.39 6.31 -16.54
N ILE A 256 11.03 5.27 -16.03
CA ILE A 256 11.20 4.03 -16.78
C ILE A 256 10.22 3.02 -16.17
N ASP A 257 9.37 2.45 -17.02
CA ASP A 257 8.27 1.60 -16.54
C ASP A 257 7.99 0.39 -17.45
N PRO A 258 8.63 -0.75 -17.17
CA PRO A 258 8.31 -1.99 -17.89
C PRO A 258 6.92 -2.52 -17.56
N ARG A 259 6.17 -1.78 -16.73
CA ARG A 259 4.74 -2.05 -16.45
C ARG A 259 4.48 -3.45 -15.91
N ARG A 260 5.37 -3.91 -15.02
CA ARG A 260 5.29 -5.25 -14.45
C ARG A 260 5.25 -5.21 -12.92
N CYS A 261 4.53 -6.18 -12.35
CA CYS A 261 4.40 -6.33 -10.90
C CYS A 261 4.25 -7.80 -10.52
N LEU A 262 4.49 -8.12 -9.25
CA LEU A 262 4.13 -9.42 -8.71
C LEU A 262 2.74 -9.32 -8.09
N LYS A 263 2.00 -10.42 -8.15
CA LYS A 263 0.64 -10.48 -7.61
C LYS A 263 0.49 -11.66 -6.65
N PRO A 264 0.16 -11.38 -5.37
CA PRO A 264 -0.14 -12.47 -4.43
C PRO A 264 -1.43 -13.17 -4.84
N VAL A 265 -1.39 -14.50 -4.86
CA VAL A 265 -2.53 -15.30 -5.27
C VAL A 265 -2.69 -16.42 -4.25
N ILE A 266 -3.90 -16.57 -3.73
CA ILE A 266 -4.22 -17.68 -2.84
C ILE A 266 -4.57 -18.88 -3.71
N LEU A 267 -3.75 -19.93 -3.60
CA LEU A 267 -4.02 -21.18 -4.33
C LEU A 267 -4.79 -22.14 -3.46
N THR A 268 -5.77 -22.82 -4.06
CA THR A 268 -6.65 -23.74 -3.32
C THR A 268 -6.50 -25.22 -3.73
N ASP A 269 -5.72 -25.50 -4.77
CA ASP A 269 -5.47 -26.90 -5.15
C ASP A 269 -4.47 -27.55 -4.20
N GLY A 270 -4.96 -28.47 -3.37
CA GLY A 270 -4.19 -28.98 -2.25
C GLY A 270 -4.17 -27.93 -1.15
N PRO A 271 -3.28 -28.09 -0.14
CA PRO A 271 -3.20 -27.15 0.97
C PRO A 271 -3.12 -25.69 0.53
N GLU A 272 -3.99 -24.86 1.10
CA GLU A 272 -4.07 -23.44 0.79
C GLU A 272 -2.74 -22.75 1.06
N ARG A 273 -2.28 -21.97 0.08
CA ARG A 273 -1.00 -21.26 0.15
CA ARG A 273 -1.01 -21.24 0.18
C ARG A 273 -1.03 -19.99 -0.70
N VAL A 274 -0.25 -18.99 -0.31
CA VAL A 274 -0.11 -17.77 -1.11
C VAL A 274 1.20 -17.82 -1.91
N ILE A 275 1.07 -17.65 -3.22
CA ILE A 275 2.23 -17.53 -4.11
C ILE A 275 2.30 -16.10 -4.60
N LEU A 276 3.46 -15.73 -5.14
CA LEU A 276 3.61 -14.46 -5.84
C LEU A 276 3.75 -14.74 -7.33
N ALA A 277 2.66 -14.54 -8.06
CA ALA A 277 2.60 -14.82 -9.48
C ALA A 277 3.21 -13.69 -10.30
N GLY A 278 3.79 -14.06 -11.44
CA GLY A 278 4.37 -13.09 -12.36
C GLY A 278 5.88 -13.12 -12.46
N PRO A 279 6.49 -11.99 -12.84
CA PRO A 279 5.86 -10.68 -13.09
C PRO A 279 4.71 -10.71 -14.10
N ILE A 280 3.66 -9.95 -13.79
CA ILE A 280 2.52 -9.79 -14.68
C ILE A 280 2.34 -8.31 -15.04
N PRO A 281 1.59 -8.00 -16.11
CA PRO A 281 1.32 -6.59 -16.42
C PRO A 281 0.56 -5.87 -15.29
N VAL A 282 0.95 -4.62 -15.02
CA VAL A 282 0.23 -3.77 -14.06
C VAL A 282 -1.17 -3.42 -14.59
N THR A 283 -2.02 -2.91 -13.71
CA THR A 283 -3.32 -2.34 -14.10
C THR A 283 -3.09 -1.00 -14.80
N PRO A 284 -4.08 -0.55 -15.61
CA PRO A 284 -4.00 0.78 -16.23
C PRO A 284 -3.90 1.94 -15.21
N ALA A 285 -4.51 1.76 -14.05
CA ALA A 285 -4.40 2.75 -12.96
C ALA A 285 -2.97 2.85 -12.42
N SER A 286 -2.33 1.70 -12.19
CA SER A 286 -0.94 1.67 -11.75
C SER A 286 0.01 2.31 -12.76
N ALA A 287 -0.19 1.98 -14.03
CA ALA A 287 0.58 2.56 -15.13
C ALA A 287 0.44 4.08 -15.19
N ALA A 288 -0.78 4.56 -14.98
CA ALA A 288 -1.07 5.99 -14.92
C ALA A 288 -0.39 6.67 -13.74
N GLN A 289 -0.41 6.03 -12.58
CA GLN A 289 0.21 6.58 -11.38
C GLN A 289 1.74 6.60 -11.44
N ARG A 290 2.33 5.61 -12.09
CA ARG A 290 3.77 5.56 -12.32
C ARG A 290 4.17 6.67 -13.30
N ARG A 291 3.44 6.73 -14.42
CA ARG A 291 3.59 7.80 -15.41
C ARG A 291 3.37 9.17 -14.75
N GLY A 292 2.42 9.22 -13.83
CA GLY A 292 2.07 10.45 -13.12
C GLY A 292 3.12 10.98 -12.15
N ARG A 293 4.20 10.24 -11.94
CA ARG A 293 5.35 10.74 -11.17
C ARG A 293 5.96 11.97 -11.84
N ILE A 294 5.86 12.05 -13.17
CA ILE A 294 6.40 13.17 -13.93
C ILE A 294 5.33 13.97 -14.69
N GLY A 295 5.75 15.00 -15.42
CA GLY A 295 4.83 15.93 -16.07
C GLY A 295 4.11 16.83 -15.08
N ARG A 296 4.68 16.96 -13.88
CA ARG A 296 4.02 17.68 -12.78
C ARG A 296 4.39 19.15 -12.73
N ASN A 297 5.58 19.48 -13.24
CA ASN A 297 6.13 20.83 -13.15
C ASN A 297 5.81 21.66 -14.40
N PRO A 298 4.95 22.70 -14.24
CA PRO A 298 4.55 23.60 -15.32
C PRO A 298 5.73 24.21 -16.10
N ALA A 299 6.83 24.46 -15.40
CA ALA A 299 8.01 25.12 -16.00
C ALA A 299 8.93 24.15 -16.76
N GLN A 300 8.67 22.85 -16.61
CA GLN A 300 9.51 21.81 -17.21
C GLN A 300 8.65 20.93 -18.12
N GLU A 301 8.87 21.05 -19.42
CA GLU A 301 8.00 20.43 -20.42
C GLU A 301 8.69 19.32 -21.23
N ASP A 302 9.83 18.85 -20.70
CA ASP A 302 10.68 17.87 -21.38
CA ASP A 302 10.64 17.86 -21.41
C ASP A 302 10.54 16.44 -20.84
N ASP A 303 9.65 16.25 -19.86
CA ASP A 303 9.50 14.95 -19.16
C ASP A 303 9.19 13.75 -20.05
N GLN A 304 9.80 12.61 -19.73
CA GLN A 304 9.64 11.39 -20.51
C GLN A 304 9.01 10.27 -19.69
N TYR A 305 8.09 9.56 -20.30
CA TYR A 305 7.60 8.31 -19.75
C TYR A 305 7.97 7.16 -20.69
N VAL A 306 8.97 6.38 -20.30
CA VAL A 306 9.46 5.28 -21.13
C VAL A 306 8.85 3.98 -20.63
N PHE A 307 8.04 3.34 -21.47
CA PHE A 307 7.27 2.17 -21.05
C PHE A 307 7.39 0.98 -21.99
N SER A 308 7.00 -0.20 -21.49
CA SER A 308 6.94 -1.40 -22.30
C SER A 308 5.71 -2.24 -21.96
N GLY A 309 4.99 -2.67 -22.99
CA GLY A 309 3.85 -3.55 -22.83
C GLY A 309 2.54 -2.83 -22.55
N ASP A 310 1.43 -3.55 -22.69
CA ASP A 310 0.10 -3.05 -22.35
C ASP A 310 -0.24 -3.41 -20.92
N PRO A 311 -1.03 -2.56 -20.23
CA PRO A 311 -1.55 -2.94 -18.92
C PRO A 311 -2.63 -4.01 -19.00
N LEU A 312 -2.86 -4.69 -17.87
CA LEU A 312 -3.88 -5.73 -17.78
C LEU A 312 -4.90 -5.38 -16.71
N LYS A 313 -6.16 -5.34 -17.11
CA LYS A 313 -7.26 -4.94 -16.24
C LYS A 313 -7.65 -5.98 -15.19
N ASN A 314 -7.73 -7.25 -15.61
CA ASN A 314 -8.28 -8.34 -14.79
C ASN A 314 -7.37 -8.76 -13.63
N ASP A 315 -7.73 -8.33 -12.42
CA ASP A 315 -6.98 -8.69 -11.22
C ASP A 315 -7.86 -9.33 -10.14
N GLU A 316 -8.88 -10.07 -10.57
CA GLU A 316 -9.83 -10.71 -9.63
C GLU A 316 -9.23 -11.87 -8.81
N ASP A 317 -8.08 -12.38 -9.23
CA ASP A 317 -7.37 -13.44 -8.49
C ASP A 317 -6.34 -12.88 -7.49
N HIS A 318 -6.28 -11.55 -7.39
CA HIS A 318 -5.40 -10.86 -6.46
C HIS A 318 -5.83 -11.18 -5.03
N ALA A 319 -4.87 -11.65 -4.22
CA ALA A 319 -5.14 -12.02 -2.82
C ALA A 319 -5.66 -10.85 -1.98
N HIS A 320 -5.29 -9.63 -2.37
CA HIS A 320 -5.67 -8.42 -1.61
C HIS A 320 -7.18 -8.23 -1.45
N TRP A 321 -7.96 -8.78 -2.38
CA TRP A 321 -9.42 -8.68 -2.32
C TRP A 321 -10.04 -9.56 -1.24
N THR A 322 -9.58 -10.80 -1.12
CA THR A 322 -10.09 -11.65 -0.03
C THR A 322 -9.48 -11.23 1.31
N GLU A 323 -8.24 -10.76 1.29
CA GLU A 323 -7.61 -10.20 2.49
C GLU A 323 -8.35 -8.97 3.02
N ALA A 324 -8.82 -8.12 2.11
CA ALA A 324 -9.67 -6.98 2.46
C ALA A 324 -10.95 -7.41 3.18
N LYS A 325 -11.56 -8.50 2.71
CA LYS A 325 -12.75 -9.09 3.35
C LYS A 325 -12.46 -9.72 4.71
N MET A 326 -11.28 -10.32 4.87
CA MET A 326 -10.86 -10.87 6.15
C MET A 326 -10.75 -9.78 7.22
N LEU A 327 -10.29 -8.59 6.79
CA LEU A 327 -10.23 -7.41 7.65
C LEU A 327 -11.62 -6.83 7.92
N LEU A 328 -12.38 -6.62 6.84
CA LEU A 328 -13.72 -6.03 6.93
C LEU A 328 -14.69 -6.85 7.79
N ASP A 329 -14.60 -8.18 7.68
CA ASP A 329 -15.48 -9.10 8.41
C ASP A 329 -15.22 -9.08 9.91
N ASN A 330 -14.08 -8.51 10.31
CA ASN A 330 -13.71 -8.44 11.72
C ASN A 330 -13.66 -7.02 12.27
N ILE A 331 -14.20 -6.07 11.50
CA ILE A 331 -14.22 -4.66 11.93
C ILE A 331 -15.41 -4.36 12.83
N TYR A 332 -15.10 -3.70 13.96
CA TYR A 332 -16.10 -3.23 14.91
C TYR A 332 -16.86 -2.01 14.37
N THR A 333 -18.18 -2.07 14.46
CA THR A 333 -19.04 -0.97 14.03
C THR A 333 -19.98 -0.66 15.21
N PRO A 334 -20.29 0.63 15.44
CA PRO A 334 -21.14 1.02 16.59
C PRO A 334 -22.45 0.23 16.69
N GLU A 335 -23.08 -0.01 15.54
CA GLU A 335 -24.35 -0.73 15.47
C GLU A 335 -24.18 -2.25 15.55
N GLY A 336 -22.95 -2.73 15.31
CA GLY A 336 -22.64 -4.15 15.29
C GLY A 336 -22.65 -4.73 13.89
N ILE A 337 -22.73 -3.84 12.91
CA ILE A 337 -22.90 -4.18 11.50
C ILE A 337 -21.62 -4.64 10.78
N ILE A 338 -21.78 -5.52 9.81
CA ILE A 338 -20.67 -5.95 8.95
C ILE A 338 -20.56 -5.06 7.71
N PRO A 339 -19.48 -4.26 7.62
CA PRO A 339 -19.29 -3.39 6.46
C PRO A 339 -18.91 -4.14 5.19
N THR A 340 -19.38 -3.63 4.06
CA THR A 340 -19.10 -4.22 2.75
CA THR A 340 -19.10 -4.22 2.75
C THR A 340 -18.03 -3.39 2.03
N LEU A 341 -17.43 -3.98 0.99
CA LEU A 341 -16.42 -3.30 0.17
C LEU A 341 -17.03 -2.08 -0.50
N PHE A 342 -16.17 -1.14 -0.88
CA PHE A 342 -16.53 0.01 -1.70
C PHE A 342 -17.15 -0.47 -3.02
N GLY A 343 -18.27 0.14 -3.41
CA GLY A 343 -19.05 -0.24 -4.60
C GLY A 343 -18.31 -0.88 -5.76
N PRO A 344 -17.44 -0.10 -6.45
CA PRO A 344 -16.66 -0.58 -7.61
C PRO A 344 -15.67 -1.72 -7.33
N GLU A 345 -15.45 -2.04 -6.06
CA GLU A 345 -14.50 -3.10 -5.67
C GLU A 345 -15.21 -4.37 -5.18
N ARG A 346 -16.54 -4.30 -5.07
CA ARG A 346 -17.37 -5.43 -4.63
C ARG A 346 -17.26 -6.62 -5.58
N GLU A 347 -17.06 -6.32 -6.87
CA GLU A 347 -16.98 -7.34 -7.93
C GLU A 347 -15.70 -8.18 -7.87
N LYS A 348 -14.70 -7.70 -7.15
CA LYS A 348 -13.36 -8.30 -7.13
C LYS A 348 -13.28 -9.64 -6.40
N THR A 349 -14.26 -9.93 -5.54
CA THR A 349 -14.30 -11.19 -4.80
C THR A 349 -15.72 -11.74 -4.71
N GLN A 350 -15.81 -13.06 -4.56
CA GLN A 350 -17.10 -13.75 -4.50
C GLN A 350 -17.49 -14.11 -3.06
N ALA A 351 -16.63 -13.73 -2.12
CA ALA A 351 -16.83 -14.03 -0.69
C ALA A 351 -18.18 -13.52 -0.17
N ILE A 352 -18.84 -14.36 0.63
CA ILE A 352 -20.08 -13.97 1.30
C ILE A 352 -19.74 -13.08 2.49
N ASP A 353 -20.31 -11.88 2.51
CA ASP A 353 -20.11 -10.92 3.61
C ASP A 353 -20.25 -11.62 4.97
N GLY A 354 -19.21 -11.49 5.81
CA GLY A 354 -19.24 -12.03 7.16
C GLY A 354 -18.69 -13.43 7.35
N GLU A 355 -18.25 -14.07 6.26
CA GLU A 355 -17.76 -15.45 6.34
C GLU A 355 -16.39 -15.58 7.01
N PHE A 356 -15.64 -14.49 7.05
CA PHE A 356 -14.32 -14.48 7.68
C PHE A 356 -14.33 -13.95 9.12
N ARG A 357 -15.52 -13.67 9.64
CA ARG A 357 -15.65 -13.14 11.00
C ARG A 357 -15.16 -14.13 12.06
N LEU A 358 -14.26 -13.66 12.91
CA LEU A 358 -13.74 -14.44 14.03
C LEU A 358 -14.31 -13.90 15.33
N ARG A 359 -14.33 -14.74 16.35
CA ARG A 359 -14.83 -14.36 17.66
C ARG A 359 -13.74 -14.41 18.73
N GLY A 360 -13.89 -13.54 19.74
CA GLY A 360 -13.08 -13.59 20.96
C GLY A 360 -11.58 -13.48 20.78
N GLU A 361 -10.87 -14.46 21.32
CA GLU A 361 -9.40 -14.46 21.34
C GLU A 361 -8.78 -14.68 19.96
N GLN A 362 -9.50 -15.40 19.10
CA GLN A 362 -9.06 -15.64 17.72
C GLN A 362 -8.99 -14.34 16.92
N ARG A 363 -10.01 -13.50 17.09
CA ARG A 363 -10.04 -12.17 16.48
C ARG A 363 -8.89 -11.29 17.02
N LYS A 364 -8.68 -11.33 18.33
CA LYS A 364 -7.59 -10.60 18.98
C LYS A 364 -6.21 -11.09 18.52
N THR A 365 -6.08 -12.39 18.31
CA THR A 365 -4.82 -12.98 17.83
C THR A 365 -4.56 -12.58 16.38
N PHE A 366 -5.61 -12.59 15.57
CA PHE A 366 -5.58 -12.12 14.18
C PHE A 366 -4.96 -10.73 14.07
N VAL A 367 -5.45 -9.81 14.89
CA VAL A 367 -4.96 -8.43 14.91
C VAL A 367 -3.50 -8.38 15.34
N GLU A 368 -3.18 -9.08 16.43
CA GLU A 368 -1.84 -9.13 17.00
C GLU A 368 -0.80 -9.64 15.99
N LEU A 369 -1.14 -10.69 15.26
CA LEU A 369 -0.24 -11.28 14.26
C LEU A 369 0.10 -10.30 13.14
N MET A 370 -0.84 -9.42 12.81
CA MET A 370 -0.61 -8.37 11.81
C MET A 370 0.22 -7.19 12.35
N ARG A 371 -0.22 -6.60 13.46
CA ARG A 371 0.43 -5.39 13.99
C ARG A 371 1.73 -5.64 14.76
N ARG A 372 1.76 -6.69 15.57
CA ARG A 372 2.96 -7.02 16.35
C ARG A 372 3.85 -8.02 15.60
N GLY A 373 3.24 -8.95 14.90
CA GLY A 373 3.96 -10.02 14.21
C GLY A 373 4.44 -9.66 12.82
N ASP A 374 3.89 -8.58 12.25
CA ASP A 374 4.22 -8.09 10.90
C ASP A 374 3.91 -9.10 9.80
N LEU A 375 2.98 -10.01 10.07
CA LEU A 375 2.58 -11.03 9.11
C LEU A 375 1.51 -10.50 8.16
N PRO A 376 1.48 -11.01 6.90
CA PRO A 376 0.42 -10.75 5.93
C PRO A 376 -0.96 -11.09 6.47
N VAL A 377 -2.00 -10.46 5.91
CA VAL A 377 -3.38 -10.68 6.36
C VAL A 377 -3.78 -12.15 6.22
N TRP A 378 -3.58 -12.73 5.05
CA TRP A 378 -3.95 -14.13 4.82
C TRP A 378 -3.30 -15.05 5.84
N LEU A 379 -1.98 -14.91 6.01
CA LEU A 379 -1.22 -15.75 6.93
C LEU A 379 -1.67 -15.59 8.38
N SER A 380 -1.85 -14.33 8.80
CA SER A 380 -2.36 -14.03 10.14
C SER A 380 -3.74 -14.66 10.36
N TYR A 381 -4.60 -14.58 9.35
CA TYR A 381 -5.94 -15.15 9.42
C TYR A 381 -5.94 -16.67 9.61
N LYS A 382 -5.07 -17.35 8.85
CA LYS A 382 -4.96 -18.81 8.91
C LYS A 382 -4.47 -19.29 10.29
N VAL A 383 -3.48 -18.61 10.83
CA VAL A 383 -2.93 -18.96 12.15
C VAL A 383 -3.99 -18.70 13.25
N ALA A 384 -4.63 -17.53 13.22
CA ALA A 384 -5.64 -17.16 14.22
C ALA A 384 -6.88 -18.04 14.19
N SER A 385 -7.39 -18.33 12.99
CA SER A 385 -8.59 -19.17 12.85
C SER A 385 -8.31 -20.65 13.13
N ALA A 386 -7.03 -21.00 13.22
CA ALA A 386 -6.61 -22.35 13.61
C ALA A 386 -6.67 -22.57 15.13
N GLY A 387 -6.82 -21.47 15.87
CA GLY A 387 -6.89 -21.53 17.35
C GLY A 387 -5.55 -21.29 18.03
N ILE A 388 -4.53 -21.01 17.22
CA ILE A 388 -3.16 -20.80 17.72
C ILE A 388 -3.00 -19.45 18.42
N SER A 389 -2.37 -19.48 19.60
CA SER A 389 -2.06 -18.28 20.38
C SER A 389 -0.93 -17.50 19.71
N TYR A 390 -0.87 -16.19 19.96
CA TYR A 390 0.11 -15.32 19.31
C TYR A 390 1.57 -15.72 19.57
N LYS A 391 1.87 -16.11 20.81
CA LYS A 391 3.23 -16.46 21.23
CA LYS A 391 3.23 -16.46 21.23
C LYS A 391 3.65 -17.87 20.82
N ASP A 392 2.67 -18.69 20.44
CA ASP A 392 2.91 -20.07 20.05
C ASP A 392 3.46 -20.13 18.62
N ARG A 393 4.75 -20.43 18.50
CA ARG A 393 5.45 -20.39 17.21
C ARG A 393 5.74 -21.78 16.62
N GLU A 394 5.19 -22.83 17.24
CA GLU A 394 5.41 -24.20 16.78
C GLU A 394 5.05 -24.41 15.30
N TRP A 395 3.98 -23.75 14.86
CA TRP A 395 3.51 -23.86 13.47
C TRP A 395 4.57 -23.52 12.42
N CYS A 396 5.53 -22.68 12.81
CA CYS A 396 6.65 -22.30 11.95
C CYS A 396 7.62 -23.45 11.63
N PHE A 397 7.46 -24.58 12.33
CA PHE A 397 8.40 -25.70 12.23
C PHE A 397 7.73 -27.05 11.98
N THR A 398 6.41 -27.07 11.94
CA THR A 398 5.66 -28.33 11.87
C THR A 398 4.98 -28.59 10.52
N GLY A 399 5.37 -27.81 9.51
CA GLY A 399 4.80 -27.96 8.17
C GLY A 399 5.40 -29.12 7.39
N GLU A 400 4.75 -29.48 6.29
CA GLU A 400 5.23 -30.53 5.39
C GLU A 400 6.57 -30.15 4.76
N ARG A 401 7.33 -31.15 4.32
CA ARG A 401 8.67 -30.94 3.74
C ARG A 401 8.69 -29.95 2.57
N ASN A 402 7.60 -29.91 1.80
CA ASN A 402 7.44 -28.97 0.70
C ASN A 402 7.40 -27.50 1.15
N ASN A 403 7.03 -27.29 2.41
CA ASN A 403 6.95 -25.95 3.01
C ASN A 403 8.29 -25.41 3.50
N GLN A 404 9.35 -26.18 3.32
CA GLN A 404 10.71 -25.77 3.71
C GLN A 404 11.10 -24.49 2.98
N ILE A 405 11.54 -23.49 3.74
CA ILE A 405 11.95 -22.21 3.18
C ILE A 405 13.43 -22.25 2.85
N LEU A 406 13.77 -21.80 1.63
CA LEU A 406 15.15 -21.81 1.16
C LEU A 406 15.73 -20.40 1.13
N GLU A 407 17.05 -20.32 1.32
CA GLU A 407 17.79 -19.06 1.25
C GLU A 407 19.13 -19.35 0.58
N GLU A 408 19.32 -18.81 -0.62
CA GLU A 408 20.49 -19.10 -1.47
C GLU A 408 20.50 -20.58 -1.88
N ASN A 409 19.32 -21.11 -2.18
CA ASN A 409 19.11 -22.53 -2.52
C ASN A 409 19.53 -23.55 -1.45
N MET A 410 19.51 -23.12 -0.19
CA MET A 410 19.76 -24.01 0.94
C MET A 410 18.78 -23.79 2.09
N GLU A 411 18.55 -24.83 2.88
CA GLU A 411 17.51 -24.86 3.91
C GLU A 411 17.78 -23.89 5.07
N VAL A 412 16.77 -23.09 5.40
CA VAL A 412 16.83 -22.15 6.51
C VAL A 412 16.61 -22.87 7.83
N GLU A 413 17.51 -22.61 8.79
CA GLU A 413 17.44 -23.21 10.11
C GLU A 413 17.47 -22.12 11.18
N ILE A 414 16.56 -22.23 12.15
CA ILE A 414 16.32 -21.16 13.13
C ILE A 414 16.55 -21.63 14.55
N TRP A 415 17.17 -20.77 15.35
CA TRP A 415 17.27 -20.96 16.79
C TRP A 415 15.98 -20.44 17.45
N THR A 416 15.22 -21.35 18.05
CA THR A 416 13.96 -20.99 18.70
C THR A 416 14.19 -20.24 20.02
N ARG A 417 13.11 -19.69 20.58
CA ARG A 417 13.17 -19.01 21.88
C ARG A 417 13.59 -19.96 23.02
N GLU A 418 13.34 -21.25 22.83
CA GLU A 418 13.70 -22.28 23.81
C GLU A 418 15.15 -22.75 23.64
N GLY A 419 15.78 -22.31 22.56
CA GLY A 419 17.20 -22.61 22.30
C GLY A 419 17.43 -23.87 21.49
N GLU A 420 16.49 -24.19 20.61
CA GLU A 420 16.60 -25.38 19.76
C GLU A 420 16.76 -24.96 18.30
N LYS A 421 17.60 -25.69 17.56
CA LYS A 421 17.84 -25.37 16.16
C LYS A 421 16.92 -26.19 15.26
N LYS A 422 15.86 -25.54 14.79
CA LYS A 422 14.84 -26.19 13.96
C LYS A 422 14.83 -25.60 12.56
N LYS A 423 14.51 -26.43 11.58
CA LYS A 423 14.38 -25.99 10.19
C LYS A 423 13.11 -25.17 10.00
N LEU A 424 13.23 -24.01 9.35
CA LEU A 424 12.10 -23.14 9.08
C LEU A 424 11.16 -23.79 8.06
N ARG A 425 10.04 -24.30 8.57
CA ARG A 425 9.10 -25.09 7.79
C ARG A 425 7.68 -24.82 8.28
N PRO A 426 7.09 -23.69 7.85
CA PRO A 426 5.80 -23.26 8.40
C PRO A 426 4.62 -24.10 7.91
N LYS A 427 3.63 -24.23 8.78
CA LYS A 427 2.41 -24.98 8.47
C LYS A 427 1.66 -24.33 7.31
N TRP A 428 1.68 -23.00 7.28
CA TRP A 428 1.10 -22.24 6.19
C TRP A 428 2.19 -21.47 5.45
N LEU A 429 2.18 -21.59 4.12
CA LEU A 429 3.17 -20.96 3.28
C LEU A 429 2.59 -19.72 2.61
N ASP A 430 3.17 -18.56 2.94
CA ASP A 430 2.83 -17.29 2.30
C ASP A 430 4.13 -16.75 1.70
N ALA A 431 4.23 -16.78 0.37
CA ALA A 431 5.44 -16.36 -0.35
C ALA A 431 6.00 -14.99 0.04
N ARG A 432 5.14 -14.12 0.54
CA ARG A 432 5.54 -12.75 0.92
C ARG A 432 6.47 -12.67 2.14
N VAL A 433 6.44 -13.69 3.01
CA VAL A 433 7.35 -13.71 4.17
C VAL A 433 8.77 -14.18 3.85
N TYR A 434 8.99 -14.64 2.63
CA TYR A 434 10.33 -15.03 2.18
C TYR A 434 10.64 -14.54 0.76
N ALA A 435 9.98 -13.47 0.35
CA ALA A 435 10.10 -12.92 -1.01
C ALA A 435 11.43 -12.24 -1.28
N ASP A 436 12.03 -11.69 -0.23
CA ASP A 436 13.28 -10.95 -0.31
C ASP A 436 14.03 -11.08 1.02
N PRO A 437 15.34 -10.71 1.05
CA PRO A 437 16.13 -10.85 2.28
C PRO A 437 15.49 -10.20 3.51
N MET A 438 14.95 -8.99 3.34
CA MET A 438 14.35 -8.23 4.44
C MET A 438 13.08 -8.88 5.01
N ALA A 439 12.22 -9.38 4.12
CA ALA A 439 11.00 -10.07 4.54
C ALA A 439 11.35 -11.35 5.30
N LEU A 440 12.31 -12.11 4.78
CA LEU A 440 12.78 -13.32 5.43
C LEU A 440 13.39 -13.01 6.81
N LYS A 441 14.20 -11.96 6.88
CA LYS A 441 14.81 -11.52 8.14
C LYS A 441 13.74 -11.28 9.20
N ASP A 442 12.70 -10.52 8.83
CA ASP A 442 11.60 -10.24 9.74
C ASP A 442 10.84 -11.49 10.15
N PHE A 443 10.60 -12.39 9.20
CA PHE A 443 9.89 -13.64 9.49
C PHE A 443 10.69 -14.61 10.37
N LYS A 444 12.01 -14.61 10.21
CA LYS A 444 12.91 -15.38 11.10
C LYS A 444 12.83 -14.85 12.53
N GLU A 445 12.76 -13.53 12.67
CA GLU A 445 12.56 -12.90 13.98
C GLU A 445 11.26 -13.34 14.64
N PHE A 446 10.21 -13.48 13.82
CA PHE A 446 8.93 -13.98 14.28
C PHE A 446 9.01 -15.46 14.70
N ALA A 447 9.60 -16.29 13.84
CA ALA A 447 9.72 -17.73 14.10
C ALA A 447 10.57 -18.06 15.33
N SER A 448 11.60 -17.26 15.57
CA SER A 448 12.48 -17.43 16.73
C SER A 448 11.87 -16.85 18.02
N GLY A 449 10.65 -16.32 17.91
CA GLY A 449 9.92 -15.79 19.05
C GLY A 449 10.51 -14.52 19.63
N ARG A 450 11.05 -13.67 18.76
CA ARG A 450 11.73 -12.44 19.18
C ARG A 450 10.81 -11.22 19.09
N LYS A 451 9.57 -11.44 18.67
CA LYS A 451 8.55 -10.39 18.64
C LYS A 451 7.14 -10.97 18.81
MN MN B . -2.13 13.70 -4.39
PB ADP C . -2.33 15.89 -6.84
O1B ADP C . -3.53 16.53 -7.49
O2B ADP C . -1.76 14.73 -7.62
O3B ADP C . -2.48 15.62 -5.36
PA ADP C . -0.51 17.73 -5.67
O1A ADP C . 0.33 16.69 -4.95
O2A ADP C . -1.56 18.51 -4.92
O3A ADP C . -1.19 17.03 -6.95
O5' ADP C . 0.52 18.77 -6.34
C5' ADP C . 0.07 19.88 -7.11
C4' ADP C . 1.27 20.66 -7.62
O4' ADP C . 2.10 21.06 -6.52
C3' ADP C . 2.15 19.84 -8.56
O3' ADP C . 2.51 20.64 -9.69
C2' ADP C . 3.40 19.52 -7.75
O2' ADP C . 4.57 19.48 -8.57
C1' ADP C . 3.46 20.66 -6.74
N9 ADP C . 4.12 20.29 -5.46
C8 ADP C . 4.00 19.12 -4.79
N7 ADP C . 4.74 19.13 -3.65
C5 ADP C . 5.35 20.33 -3.58
C6 ADP C . 6.29 21.01 -2.65
N6 ADP C . 6.73 20.40 -1.53
N1 ADP C . 6.69 22.27 -2.96
C2 ADP C . 6.26 22.91 -4.07
N3 ADP C . 5.42 22.35 -4.95
C4 ADP C . 4.93 21.09 -4.78
C1 BME D . -3.30 -4.46 10.37
C2 BME D . -4.57 -3.70 9.99
O1 BME D . -2.31 -4.29 9.37
S2 BME D . -4.99 -3.78 8.23
C1 BME E . 1.37 2.38 7.81
C2 BME E . 2.53 3.31 8.11
O1 BME E . 1.45 1.89 6.49
S2 BME E . 2.05 4.74 9.12
CL CL F . 7.43 -3.08 -1.69
C1 GOL G . -8.34 -0.39 -10.91
O1 GOL G . -8.49 1.01 -10.91
C2 GOL G . -8.41 -0.89 -9.48
O2 GOL G . -9.74 -1.24 -9.14
C3 GOL G . -7.48 -2.08 -9.30
O3 GOL G . -8.00 -3.18 -10.00
#